data_8AB4
#
_entry.id   8AB4
#
_cell.length_a   46.140
_cell.length_b   61.410
_cell.length_c   50.920
_cell.angle_alpha   90.000
_cell.angle_beta   111.820
_cell.angle_gamma   90.000
#
_symmetry.space_group_name_H-M   'P 1 21 1'
#
loop_
_entity.id
_entity.type
_entity.pdbx_description
1 polymer 'Cell shape-determining protein MreB'
2 non-polymer "GUANOSINE-5'-TRIPHOSPHATE"
3 water water
#
_entity_poly.entity_id   1
_entity_poly.type   'polypeptide(L)'
_entity_poly.pdbx_seq_one_letter_code
;MFGIGTKDLGIDLGTANTLVYVKGKGIVLREPSVVAIQRDTKQIVAVGNEAKNMIGRTPGNIVALRPMKDGVIADYETTA
TMMKYYIRKAIKTKGLFAGKPYVMVCVPYGITAVEERAVIDATRQAGARDAYTIEEPFAAAIGANLPVWEPTGSMVVDIG
GGTTEVAVISLGGIVTSQSIRIAGDEMDEAIIQYIRKSYNLMIGERTAEAIKMEIGSAGNPEGIGNMEIRGRDLLTGLPK
TIEISAEEVAEALRDTVYAIVESVKNTLEKTPPELAADIMDRGIVLTGGGALLRNLDKVISQETDMPVIVAENPLDCVAI
GTGKALDHIDLFKNKARDHR
;
_entity_poly.pdbx_strand_id   M
#
loop_
_chem_comp.id
_chem_comp.type
_chem_comp.name
_chem_comp.formula
GTP non-polymer GUANOSINE-5'-TRIPHOSPHATE 'C10 H16 N5 O14 P3'
#
# COMPACT_ATOMS: atom_id res chain seq x y z
N LYS A 7 20.61 -4.67 16.96
CA LYS A 7 19.87 -3.81 16.04
C LYS A 7 18.41 -4.27 15.90
N ASP A 8 17.49 -3.31 15.93
CA ASP A 8 16.07 -3.57 15.71
C ASP A 8 15.67 -3.06 14.34
N LEU A 9 14.87 -3.86 13.64
CA LEU A 9 14.47 -3.54 12.26
C LEU A 9 12.96 -3.44 12.18
N GLY A 10 12.49 -2.52 11.35
CA GLY A 10 11.09 -2.49 10.99
C GLY A 10 10.96 -2.78 9.51
N ILE A 11 10.10 -3.72 9.13
CA ILE A 11 10.03 -4.17 7.77
C ILE A 11 8.61 -3.97 7.25
N ASP A 12 8.46 -3.22 6.18
CA ASP A 12 7.19 -3.09 5.48
C ASP A 12 7.33 -3.83 4.14
N LEU A 13 6.78 -5.04 4.09
CA LEU A 13 6.79 -5.88 2.90
C LEU A 13 5.54 -5.58 2.08
N GLY A 14 5.60 -4.49 1.32
CA GLY A 14 4.44 -4.04 0.56
C GLY A 14 4.14 -4.91 -0.64
N THR A 15 2.99 -4.62 -1.27
CA THR A 15 2.55 -5.38 -2.44
C THR A 15 3.59 -5.32 -3.54
N ALA A 16 4.03 -4.10 -3.88
CA ALA A 16 5.09 -3.91 -4.86
C ALA A 16 6.42 -3.52 -4.24
N ASN A 17 6.42 -2.77 -3.13
CA ASN A 17 7.67 -2.25 -2.62
C ASN A 17 7.91 -2.63 -1.16
N THR A 18 9.10 -3.17 -0.89
CA THR A 18 9.57 -3.50 0.45
C THR A 18 10.54 -2.45 0.98
N LEU A 19 10.33 -2.01 2.22
CA LEU A 19 11.19 -1.01 2.85
C LEU A 19 11.65 -1.53 4.21
N VAL A 20 12.95 -1.43 4.49
CA VAL A 20 13.48 -1.87 5.77
C VAL A 20 14.05 -0.67 6.52
N TYR A 21 13.66 -0.52 7.78
CA TYR A 21 14.08 0.58 8.63
C TYR A 21 14.91 0.03 9.79
N VAL A 22 16.10 0.60 9.98
CA VAL A 22 16.95 0.22 11.09
C VAL A 22 17.04 1.40 12.05
N LYS A 23 16.69 1.18 13.31
CA LYS A 23 16.68 2.27 14.28
C LYS A 23 18.08 2.88 14.37
N GLY A 24 18.13 4.20 14.22
CA GLY A 24 19.37 4.90 13.99
C GLY A 24 19.49 5.36 12.56
N LYS A 25 19.68 4.40 11.64
CA LYS A 25 19.97 4.73 10.25
C LYS A 25 18.73 5.17 9.48
N GLY A 26 17.53 4.70 9.86
CA GLY A 26 16.33 5.02 9.10
C GLY A 26 16.07 4.01 7.99
N ILE A 27 15.37 4.47 6.93
CA ILE A 27 15.05 3.61 5.79
C ILE A 27 16.34 3.20 5.10
N VAL A 28 16.90 2.05 5.50
CA VAL A 28 18.15 1.62 4.91
C VAL A 28 17.95 0.92 3.58
N LEU A 29 16.78 0.33 3.34
CA LEU A 29 16.58 -0.56 2.20
C LEU A 29 15.26 -0.25 1.50
N ARG A 30 15.32 -0.17 0.17
CA ARG A 30 14.16 0.03 -0.68
C ARG A 30 14.31 -0.92 -1.87
N GLU A 31 13.50 -1.96 -1.91
CA GLU A 31 13.64 -2.99 -2.93
C GLU A 31 12.27 -3.53 -3.31
N PRO A 32 12.12 -4.00 -4.55
CA PRO A 32 10.83 -4.52 -5.01
C PRO A 32 10.42 -5.79 -4.28
N SER A 33 9.13 -5.89 -3.97
CA SER A 33 8.56 -7.11 -3.39
C SER A 33 8.43 -8.17 -4.49
N VAL A 34 9.59 -8.71 -4.89
CA VAL A 34 9.68 -9.63 -6.02
C VAL A 34 10.55 -10.80 -5.59
N VAL A 35 10.23 -11.98 -6.13
CA VAL A 35 10.96 -13.20 -5.86
C VAL A 35 11.22 -13.89 -7.20
N ALA A 36 12.34 -14.60 -7.29
CA ALA A 36 12.73 -15.35 -8.48
C ALA A 36 12.77 -16.83 -8.13
N ILE A 37 11.97 -17.63 -8.85
CA ILE A 37 11.81 -19.05 -8.54
C ILE A 37 12.21 -19.88 -9.77
N GLN A 38 13.14 -20.84 -9.57
CA GLN A 38 13.44 -21.91 -10.53
C GLN A 38 12.19 -22.71 -10.91
N ARG A 39 11.86 -22.77 -12.21
CA ARG A 39 10.69 -23.56 -12.63
C ARG A 39 10.83 -25.04 -12.25
N ASP A 40 12.00 -25.63 -12.53
CA ASP A 40 12.17 -27.05 -12.22
C ASP A 40 12.38 -27.27 -10.72
N THR A 41 13.39 -26.62 -10.12
CA THR A 41 13.62 -26.85 -8.69
C THR A 41 12.50 -26.26 -7.83
N LYS A 42 11.57 -25.51 -8.43
CA LYS A 42 10.47 -24.83 -7.74
C LYS A 42 10.91 -24.24 -6.40
N GLN A 43 12.08 -23.59 -6.40
CA GLN A 43 12.69 -23.03 -5.22
C GLN A 43 12.98 -21.54 -5.44
N ILE A 44 12.86 -20.75 -4.37
CA ILE A 44 13.20 -19.33 -4.43
C ILE A 44 14.71 -19.19 -4.63
N VAL A 45 15.13 -18.66 -5.78
CA VAL A 45 16.55 -18.50 -6.07
C VAL A 45 17.05 -17.12 -5.65
N ALA A 46 16.23 -16.08 -5.75
CA ALA A 46 16.66 -14.74 -5.36
C ALA A 46 15.44 -13.93 -4.95
N VAL A 47 15.69 -12.87 -4.18
CA VAL A 47 14.65 -12.01 -3.64
C VAL A 47 15.07 -10.56 -3.91
N GLY A 48 14.07 -9.73 -4.20
CA GLY A 48 14.32 -8.28 -4.21
C GLY A 48 15.13 -7.85 -5.42
N ASN A 49 16.14 -7.02 -5.16
CA ASN A 49 17.03 -6.56 -6.21
C ASN A 49 17.84 -7.72 -6.81
N GLU A 50 18.20 -8.72 -5.99
CA GLU A 50 18.92 -9.88 -6.50
C GLU A 50 18.10 -10.64 -7.54
N ALA A 51 16.79 -10.75 -7.32
CA ALA A 51 15.91 -11.34 -8.31
C ALA A 51 15.81 -10.45 -9.55
N LYS A 52 15.64 -9.14 -9.34
CA LYS A 52 15.65 -8.20 -10.46
C LYS A 52 16.91 -8.36 -11.31
N ASN A 53 18.08 -8.43 -10.66
CA ASN A 53 19.32 -8.62 -11.39
C ASN A 53 19.32 -9.98 -12.08
N MET A 54 18.89 -11.01 -11.36
CA MET A 54 18.76 -12.35 -11.94
C MET A 54 17.94 -12.32 -13.23
N ILE A 55 16.66 -11.94 -13.11
CA ILE A 55 15.84 -11.81 -14.30
C ILE A 55 16.49 -10.84 -15.30
N GLY A 56 17.15 -9.79 -14.80
CA GLY A 56 17.79 -8.82 -15.69
C GLY A 56 18.93 -9.40 -16.51
N ARG A 57 19.68 -10.34 -15.91
CA ARG A 57 20.68 -11.11 -16.63
C ARG A 57 20.07 -12.24 -17.45
N THR A 58 18.76 -12.50 -17.28
CA THR A 58 18.00 -13.52 -18.00
C THR A 58 18.70 -14.88 -17.99
N PRO A 59 18.81 -15.54 -16.83
CA PRO A 59 19.44 -16.86 -16.79
C PRO A 59 18.57 -17.96 -17.38
N GLY A 60 17.29 -17.68 -17.63
CA GLY A 60 16.36 -18.70 -18.08
C GLY A 60 16.05 -19.67 -16.96
N ASN A 61 14.91 -20.34 -17.06
CA ASN A 61 14.49 -21.36 -16.10
C ASN A 61 14.10 -20.71 -14.76
N ILE A 62 14.43 -19.38 -14.56
CA ILE A 62 13.94 -18.56 -13.45
C ILE A 62 12.61 -17.94 -13.85
N VAL A 63 11.65 -17.88 -12.91
CA VAL A 63 10.49 -17.01 -13.11
C VAL A 63 10.40 -16.01 -11.96
N ALA A 64 9.85 -14.83 -12.26
CA ALA A 64 9.74 -13.74 -11.30
C ALA A 64 8.29 -13.59 -10.84
N LEU A 65 8.08 -13.55 -9.53
CA LEU A 65 6.76 -13.50 -8.92
C LEU A 65 6.75 -12.44 -7.82
N ARG A 66 5.59 -11.80 -7.63
CA ARG A 66 5.37 -10.90 -6.51
C ARG A 66 4.34 -11.51 -5.57
N PRO A 67 4.70 -11.86 -4.34
CA PRO A 67 3.71 -12.46 -3.43
C PRO A 67 2.56 -11.53 -3.03
N MET A 68 2.72 -10.22 -3.13
CA MET A 68 1.62 -9.26 -2.97
C MET A 68 0.85 -9.40 -1.66
N LYS A 69 -0.31 -10.05 -1.71
CA LYS A 69 -1.13 -10.28 -0.52
C LYS A 69 -0.90 -11.66 0.11
N ALA A 74 -0.53 -17.00 1.02
CA ALA A 74 0.85 -16.66 1.31
C ALA A 74 1.58 -17.84 1.95
N ASP A 75 2.48 -18.46 1.19
CA ASP A 75 3.31 -19.53 1.75
C ASP A 75 4.10 -19.00 2.94
N TYR A 76 4.08 -19.75 4.04
CA TYR A 76 4.98 -19.45 5.15
C TYR A 76 6.44 -19.47 4.67
N GLU A 77 6.75 -20.33 3.70
CA GLU A 77 8.13 -20.46 3.21
C GLU A 77 8.53 -19.25 2.38
N THR A 78 7.65 -18.77 1.51
CA THR A 78 7.98 -17.58 0.73
C THR A 78 8.26 -16.40 1.65
N THR A 79 7.34 -16.16 2.60
CA THR A 79 7.50 -15.13 3.61
C THR A 79 8.84 -15.26 4.33
N ALA A 80 9.10 -16.43 4.90
CA ALA A 80 10.31 -16.59 5.71
C ALA A 80 11.56 -16.39 4.85
N THR A 81 11.56 -16.93 3.62
CA THR A 81 12.71 -16.74 2.73
C THR A 81 12.88 -15.27 2.38
N MET A 82 11.80 -14.62 1.91
CA MET A 82 11.87 -13.20 1.63
C MET A 82 12.41 -12.43 2.83
N MET A 83 11.80 -12.64 4.00
CA MET A 83 12.28 -11.96 5.20
C MET A 83 13.74 -12.27 5.48
N LYS A 84 14.19 -13.48 5.17
CA LYS A 84 15.59 -13.84 5.41
C LYS A 84 16.52 -12.95 4.59
N TYR A 85 16.12 -12.63 3.36
CA TYR A 85 16.97 -11.80 2.50
C TYR A 85 16.97 -10.34 2.94
N TYR A 86 15.79 -9.76 3.15
CA TYR A 86 15.72 -8.35 3.56
C TYR A 86 16.35 -8.13 4.93
N ILE A 87 16.24 -9.11 5.84
CA ILE A 87 16.82 -8.95 7.18
C ILE A 87 18.35 -8.97 7.10
N ARG A 88 18.90 -9.96 6.38
CA ARG A 88 20.35 -10.06 6.24
C ARG A 88 20.95 -8.91 5.42
N LYS A 89 20.27 -8.46 4.36
CA LYS A 89 20.83 -7.41 3.52
C LYS A 89 20.90 -6.07 4.26
N ALA A 90 19.91 -5.79 5.11
CA ALA A 90 19.84 -4.49 5.79
C ALA A 90 20.89 -4.40 6.91
N ILE A 91 21.09 -5.47 7.67
CA ILE A 91 22.07 -5.49 8.75
C ILE A 91 23.49 -5.13 8.30
N GLY A 99 23.30 -11.36 18.53
CA GLY A 99 23.32 -10.28 17.55
C GLY A 99 22.13 -10.25 16.61
N LYS A 100 21.23 -11.22 16.77
CA LYS A 100 20.05 -11.32 15.90
C LYS A 100 19.07 -10.19 16.21
N PRO A 101 18.32 -9.74 15.20
CA PRO A 101 17.50 -8.54 15.38
C PRO A 101 16.11 -8.82 15.94
N TYR A 102 15.58 -7.82 16.62
CA TYR A 102 14.15 -7.77 16.92
C TYR A 102 13.48 -7.03 15.75
N VAL A 103 12.38 -7.57 15.26
CA VAL A 103 11.78 -7.10 14.01
C VAL A 103 10.33 -6.74 14.26
N MET A 104 9.95 -5.53 13.89
CA MET A 104 8.54 -5.12 13.79
C MET A 104 8.11 -5.29 12.33
N VAL A 105 7.07 -6.08 12.11
CA VAL A 105 6.57 -6.38 10.76
C VAL A 105 5.22 -5.72 10.59
N CYS A 106 5.11 -4.82 9.61
CA CYS A 106 3.84 -4.16 9.37
C CYS A 106 2.87 -5.14 8.73
N VAL A 107 1.64 -5.21 9.25
CA VAL A 107 0.67 -6.15 8.71
C VAL A 107 -0.61 -5.38 8.36
N PRO A 108 -1.37 -5.82 7.36
CA PRO A 108 -2.66 -5.16 7.07
C PRO A 108 -3.59 -5.28 8.27
N TYR A 109 -4.59 -4.38 8.33
CA TYR A 109 -5.48 -4.36 9.49
C TYR A 109 -6.29 -5.65 9.60
N GLY A 110 -6.81 -6.15 8.47
CA GLY A 110 -7.73 -7.27 8.53
C GLY A 110 -7.13 -8.61 8.89
N ILE A 111 -5.87 -8.61 9.31
CA ILE A 111 -5.14 -9.86 9.47
C ILE A 111 -5.72 -10.65 10.62
N THR A 112 -5.89 -11.95 10.41
CA THR A 112 -6.32 -12.86 11.46
C THR A 112 -5.15 -13.19 12.39
N ALA A 113 -5.47 -13.86 13.49
CA ALA A 113 -4.46 -14.20 14.49
C ALA A 113 -3.59 -15.37 14.03
N VAL A 114 -4.16 -16.33 13.29
CA VAL A 114 -3.36 -17.43 12.77
C VAL A 114 -2.39 -16.92 11.70
N GLU A 115 -2.85 -16.01 10.83
CA GLU A 115 -1.95 -15.34 9.89
C GLU A 115 -0.88 -14.55 10.62
N GLU A 116 -1.28 -13.75 11.63
CA GLU A 116 -0.32 -12.92 12.35
C GLU A 116 0.73 -13.78 13.08
N ARG A 117 0.30 -14.93 13.62
CA ARG A 117 1.28 -15.86 14.19
C ARG A 117 2.17 -16.46 13.10
N ALA A 118 1.62 -16.65 11.90
CA ALA A 118 2.45 -17.18 10.80
C ALA A 118 3.56 -16.20 10.42
N VAL A 119 3.25 -14.89 10.41
CA VAL A 119 4.23 -13.85 10.10
C VAL A 119 5.34 -13.84 11.15
N ILE A 120 5.00 -14.04 12.42
CA ILE A 120 5.99 -13.98 13.49
C ILE A 120 6.94 -15.19 13.40
N ASP A 121 6.37 -16.39 13.26
CA ASP A 121 7.19 -17.60 13.13
C ASP A 121 8.10 -17.52 11.92
N ALA A 122 7.56 -17.11 10.76
CA ALA A 122 8.37 -16.96 9.54
C ALA A 122 9.48 -15.92 9.75
N THR A 123 9.14 -14.76 10.35
CA THR A 123 10.16 -13.76 10.65
C THR A 123 11.20 -14.32 11.62
N ARG A 124 10.75 -15.11 12.60
CA ARG A 124 11.65 -15.77 13.54
C ARG A 124 12.52 -16.80 12.84
N GLN A 125 11.92 -17.53 11.90
CA GLN A 125 12.67 -18.47 11.06
C GLN A 125 13.64 -17.75 10.14
N ALA A 126 13.26 -16.55 9.67
CA ALA A 126 14.13 -15.73 8.82
C ALA A 126 15.35 -15.20 9.55
N GLY A 127 15.37 -15.26 10.88
CA GLY A 127 16.55 -14.86 11.63
C GLY A 127 16.32 -13.78 12.67
N ALA A 128 15.13 -13.75 13.25
CA ALA A 128 14.81 -12.75 14.26
C ALA A 128 14.80 -13.43 15.63
N ARG A 129 15.47 -12.80 16.61
CA ARG A 129 15.31 -13.17 18.00
C ARG A 129 13.83 -13.33 18.35
N ASP A 130 13.09 -12.23 18.24
CA ASP A 130 11.64 -12.25 18.33
C ASP A 130 11.09 -11.30 17.27
N ALA A 131 9.81 -11.47 16.94
CA ALA A 131 9.12 -10.61 15.99
C ALA A 131 7.81 -10.10 16.60
N TYR A 132 7.44 -8.89 16.19
CA TYR A 132 6.21 -8.22 16.61
C TYR A 132 5.55 -7.62 15.37
N THR A 133 4.23 -7.47 15.40
CA THR A 133 3.49 -6.97 14.25
C THR A 133 2.81 -5.64 14.58
N ILE A 134 2.58 -4.82 13.55
CA ILE A 134 1.88 -3.55 13.68
C ILE A 134 0.92 -3.41 12.50
N GLU A 135 -0.29 -2.95 12.77
CA GLU A 135 -1.22 -2.72 11.67
C GLU A 135 -0.75 -1.53 10.85
N GLU A 136 -0.85 -1.68 9.52
CA GLU A 136 -0.50 -0.60 8.61
C GLU A 136 -1.11 0.75 9.00
N PRO A 137 -2.42 0.86 9.31
CA PRO A 137 -2.95 2.18 9.67
C PRO A 137 -2.27 2.79 10.90
N PHE A 138 -1.97 2.01 11.93
CA PHE A 138 -1.28 2.58 13.08
C PHE A 138 0.13 3.03 12.72
N ALA A 139 0.84 2.21 11.94
CA ALA A 139 2.16 2.61 11.45
C ALA A 139 2.06 3.86 10.58
N ALA A 140 1.13 3.88 9.62
CA ALA A 140 0.97 5.07 8.77
C ALA A 140 0.72 6.31 9.61
N ALA A 141 -0.08 6.18 10.68
CA ALA A 141 -0.36 7.31 11.56
C ALA A 141 0.91 7.78 12.26
N ILE A 142 1.75 6.82 12.73
CA ILE A 142 2.98 7.20 13.41
C ILE A 142 3.94 7.88 12.45
N GLY A 143 4.04 7.35 11.22
CA GLY A 143 4.93 7.94 10.24
C GLY A 143 4.50 9.31 9.78
N ALA A 144 3.19 9.58 9.78
CA ALA A 144 2.63 10.89 9.42
C ALA A 144 2.52 11.84 10.62
N ASN A 145 3.14 11.51 11.74
CA ASN A 145 3.24 12.42 12.90
C ASN A 145 1.89 12.83 13.47
N LEU A 146 0.88 11.97 13.36
CA LEU A 146 -0.36 12.24 14.06
C LEU A 146 -0.17 11.93 15.54
N PRO A 147 -0.93 12.58 16.44
CA PRO A 147 -0.72 12.38 17.90
C PRO A 147 -1.34 11.09 18.42
N VAL A 148 -0.74 9.96 18.01
CA VAL A 148 -1.33 8.64 18.26
C VAL A 148 -1.38 8.35 19.75
N TRP A 149 -0.47 8.90 20.54
CA TRP A 149 -0.44 8.57 21.97
C TRP A 149 -1.34 9.45 22.80
N GLU A 150 -1.70 10.64 22.32
CA GLU A 150 -2.60 11.52 23.06
C GLU A 150 -4.01 10.94 23.09
N PRO A 151 -4.81 11.36 24.09
CA PRO A 151 -6.22 10.93 24.10
C PRO A 151 -7.08 11.64 23.06
N THR A 152 -6.48 12.44 22.19
CA THR A 152 -7.22 13.06 21.09
C THR A 152 -7.44 12.04 19.97
N GLY A 153 -8.57 12.18 19.28
CA GLY A 153 -8.82 11.32 18.14
C GLY A 153 -8.07 11.79 16.90
N SER A 154 -7.61 10.82 16.11
CA SER A 154 -6.98 11.11 14.82
C SER A 154 -7.45 10.08 13.82
N MET A 155 -7.39 10.44 12.55
CA MET A 155 -7.82 9.56 11.47
C MET A 155 -6.75 9.48 10.40
N VAL A 156 -6.44 8.27 9.98
CA VAL A 156 -5.55 8.10 8.84
C VAL A 156 -6.26 7.22 7.82
N VAL A 157 -6.12 7.58 6.55
CA VAL A 157 -6.52 6.73 5.43
C VAL A 157 -5.26 6.33 4.68
N ASP A 158 -4.93 5.02 4.72
CA ASP A 158 -3.79 4.48 3.97
C ASP A 158 -4.28 3.74 2.74
N ILE A 159 -4.05 4.33 1.57
CA ILE A 159 -4.44 3.77 0.28
C ILE A 159 -3.18 3.27 -0.40
N GLY A 160 -3.03 1.94 -0.49
CA GLY A 160 -1.90 1.28 -1.12
C GLY A 160 -2.24 0.74 -2.51
N GLY A 161 -1.56 -0.34 -2.89
CA GLY A 161 -1.88 -1.00 -4.15
C GLY A 161 -3.07 -1.94 -4.02
N GLY A 162 -2.98 -2.85 -3.06
CA GLY A 162 -4.04 -3.83 -2.89
C GLY A 162 -5.13 -3.43 -1.91
N THR A 163 -4.83 -2.62 -0.90
CA THR A 163 -5.81 -2.36 0.15
C THR A 163 -5.88 -0.88 0.50
N THR A 164 -7.10 -0.42 0.76
CA THR A 164 -7.36 0.86 1.43
C THR A 164 -7.74 0.58 2.88
N GLU A 165 -7.06 1.21 3.82
CA GLU A 165 -7.29 0.98 5.24
C GLU A 165 -7.52 2.30 5.96
N VAL A 166 -8.66 2.39 6.65
CA VAL A 166 -9.04 3.55 7.42
C VAL A 166 -8.94 3.22 8.90
N ALA A 167 -8.47 4.17 9.71
CA ALA A 167 -8.50 3.95 11.14
C ALA A 167 -8.59 5.27 11.88
N VAL A 168 -9.23 5.23 13.03
CA VAL A 168 -9.22 6.30 14.02
C VAL A 168 -8.35 5.84 15.18
N ILE A 169 -7.41 6.68 15.62
CA ILE A 169 -6.49 6.30 16.67
C ILE A 169 -6.61 7.27 17.84
N SER A 170 -6.41 6.74 19.05
CA SER A 170 -6.39 7.53 20.28
C SER A 170 -5.72 6.70 21.37
N LEU A 171 -4.85 7.33 22.14
CA LEU A 171 -4.14 6.70 23.27
C LEU A 171 -3.47 5.39 22.84
N GLY A 172 -2.60 5.51 21.83
CA GLY A 172 -1.78 4.41 21.32
C GLY A 172 -2.51 3.16 20.90
N GLY A 173 -3.78 3.29 20.49
CA GLY A 173 -4.53 2.17 19.97
C GLY A 173 -5.45 2.61 18.85
N ILE A 174 -6.00 1.61 18.16
CA ILE A 174 -7.00 1.83 17.12
C ILE A 174 -8.38 1.78 17.76
N VAL A 175 -9.09 2.91 17.73
CA VAL A 175 -10.47 2.93 18.20
C VAL A 175 -11.37 2.14 17.25
N THR A 176 -11.36 2.51 15.97
CA THR A 176 -12.19 1.87 14.98
C THR A 176 -11.45 1.87 13.64
N SER A 177 -11.67 0.83 12.86
CA SER A 177 -10.90 0.71 11.63
C SER A 177 -11.66 -0.17 10.68
N GLN A 178 -11.37 0.02 9.39
CA GLN A 178 -12.01 -0.68 8.30
C GLN A 178 -10.97 -0.89 7.21
N SER A 179 -11.08 -2.01 6.50
CA SER A 179 -10.20 -2.29 5.38
C SER A 179 -11.04 -2.68 4.16
N ILE A 180 -10.63 -2.23 2.97
CA ILE A 180 -11.28 -2.62 1.72
C ILE A 180 -10.20 -2.96 0.69
N ARG A 181 -10.53 -3.89 -0.19
CA ARG A 181 -9.61 -4.30 -1.25
C ARG A 181 -9.81 -3.50 -2.52
N ILE A 182 -10.21 -2.24 -2.39
CA ILE A 182 -10.37 -1.29 -3.48
C ILE A 182 -9.33 -0.20 -3.25
N ALA A 183 -8.35 -0.10 -4.15
CA ALA A 183 -7.19 0.76 -3.90
C ALA A 183 -6.49 1.05 -5.22
N GLY A 184 -5.15 1.20 -5.19
CA GLY A 184 -4.44 1.65 -6.38
C GLY A 184 -4.54 0.67 -7.54
N ASP A 185 -4.33 -0.63 -7.26
CA ASP A 185 -4.51 -1.66 -8.28
C ASP A 185 -5.92 -1.61 -8.86
N GLU A 186 -6.93 -1.50 -8.00
CA GLU A 186 -8.31 -1.48 -8.47
C GLU A 186 -8.61 -0.24 -9.30
N MET A 187 -7.93 0.89 -9.03
CA MET A 187 -8.03 2.03 -9.95
C MET A 187 -7.53 1.67 -11.35
N ASP A 188 -6.40 0.94 -11.44
CA ASP A 188 -5.88 0.54 -12.76
C ASP A 188 -6.87 -0.38 -13.46
N GLU A 189 -7.36 -1.42 -12.76
CA GLU A 189 -8.39 -2.30 -13.31
C GLU A 189 -9.56 -1.54 -13.86
N ALA A 190 -10.07 -0.55 -13.11
CA ALA A 190 -11.26 0.16 -13.54
C ALA A 190 -11.01 0.92 -14.84
N ILE A 191 -9.83 1.53 -14.95
CA ILE A 191 -9.39 2.15 -16.19
C ILE A 191 -9.36 1.12 -17.32
N ILE A 192 -8.78 -0.06 -17.06
CA ILE A 192 -8.71 -1.11 -18.08
C ILE A 192 -10.11 -1.49 -18.56
N GLN A 193 -11.05 -1.60 -17.60
CA GLN A 193 -12.41 -2.05 -17.91
C GLN A 193 -13.21 -0.97 -18.63
N TYR A 194 -13.01 0.29 -18.23
CA TYR A 194 -13.62 1.38 -18.97
C TYR A 194 -13.15 1.40 -20.43
N ILE A 195 -11.84 1.22 -20.66
CA ILE A 195 -11.38 1.26 -22.04
C ILE A 195 -11.87 0.04 -22.81
N ARG A 196 -11.93 -1.11 -22.14
CA ARG A 196 -12.51 -2.29 -22.79
C ARG A 196 -13.94 -2.01 -23.24
N LYS A 197 -14.77 -1.48 -22.34
CA LYS A 197 -16.15 -1.21 -22.68
C LYS A 197 -16.28 -0.05 -23.68
N SER A 198 -15.49 1.01 -23.48
CA SER A 198 -15.71 2.22 -24.26
C SER A 198 -15.15 2.08 -25.68
N TYR A 199 -13.93 1.54 -25.81
CA TYR A 199 -13.29 1.53 -27.10
C TYR A 199 -13.05 0.13 -27.65
N ASN A 200 -13.54 -0.92 -26.96
CA ASN A 200 -13.28 -2.29 -27.37
C ASN A 200 -11.78 -2.54 -27.56
N LEU A 201 -10.98 -1.86 -26.74
CA LEU A 201 -9.54 -1.95 -26.75
C LEU A 201 -9.06 -2.51 -25.43
N MET A 202 -8.14 -3.48 -25.51
CA MET A 202 -7.55 -4.12 -24.34
C MET A 202 -6.15 -3.55 -24.12
N ILE A 203 -6.00 -2.80 -23.05
CA ILE A 203 -4.72 -2.26 -22.64
C ILE A 203 -4.20 -3.13 -21.50
N GLY A 204 -2.90 -3.04 -21.25
CA GLY A 204 -2.28 -3.79 -20.19
C GLY A 204 -2.17 -2.99 -18.89
N GLU A 205 -1.62 -3.67 -17.89
CA GLU A 205 -1.42 -3.09 -16.57
C GLU A 205 -0.49 -1.88 -16.60
N ARG A 206 0.65 -2.00 -17.29
CA ARG A 206 1.63 -0.91 -17.35
C ARG A 206 1.01 0.36 -17.93
N THR A 207 0.27 0.24 -19.03
CA THR A 207 -0.41 1.40 -19.60
C THR A 207 -1.48 1.92 -18.66
N ALA A 208 -2.23 1.03 -17.99
CA ALA A 208 -3.26 1.45 -17.04
C ALA A 208 -2.65 2.23 -15.89
N GLU A 209 -1.54 1.74 -15.35
CA GLU A 209 -0.83 2.45 -14.28
C GLU A 209 -0.36 3.82 -14.75
N ALA A 210 0.22 3.88 -15.96
CA ALA A 210 0.74 5.15 -16.48
C ALA A 210 -0.37 6.16 -16.69
N ILE A 211 -1.55 5.69 -17.09
CA ILE A 211 -2.69 6.57 -17.27
C ILE A 211 -3.11 7.14 -15.92
N LYS A 212 -3.25 6.26 -14.92
CA LYS A 212 -3.64 6.75 -13.60
C LYS A 212 -2.67 7.82 -13.11
N MET A 213 -1.36 7.51 -13.16
CA MET A 213 -0.36 8.48 -12.72
C MET A 213 -0.43 9.77 -13.53
N GLU A 214 -0.53 9.65 -14.85
CA GLU A 214 -0.37 10.82 -15.72
C GLU A 214 -1.62 11.70 -15.77
N ILE A 215 -2.80 11.12 -15.92
CA ILE A 215 -4.01 11.93 -16.10
C ILE A 215 -5.13 11.48 -15.16
N GLY A 216 -4.81 10.59 -14.23
CA GLY A 216 -5.81 10.07 -13.34
C GLY A 216 -6.16 11.12 -12.30
N SER A 217 -7.42 11.09 -11.89
CA SER A 217 -7.89 12.01 -10.86
C SER A 217 -9.16 11.44 -10.26
N ALA A 218 -9.44 11.85 -9.02
CA ALA A 218 -10.67 11.46 -8.32
C ALA A 218 -11.83 12.35 -8.70
N GLY A 219 -11.57 13.47 -9.36
CA GLY A 219 -12.62 14.40 -9.72
C GLY A 219 -11.96 15.66 -10.24
N ASN A 220 -12.79 16.58 -10.69
CA ASN A 220 -12.37 17.84 -11.31
C ASN A 220 -11.22 17.56 -12.28
N PRO A 221 -11.46 16.79 -13.35
CA PRO A 221 -10.37 16.45 -14.27
C PRO A 221 -9.98 17.61 -15.16
N GLU A 222 -10.45 18.81 -14.83
CA GLU A 222 -10.31 19.97 -15.71
C GLU A 222 -8.84 20.40 -15.80
N GLY A 223 -8.27 20.30 -17.01
CA GLY A 223 -6.91 20.74 -17.24
C GLY A 223 -5.87 19.67 -17.02
N ILE A 224 -6.27 18.46 -16.61
CA ILE A 224 -5.30 17.41 -16.42
C ILE A 224 -4.66 17.03 -17.76
N GLY A 225 -5.46 16.88 -18.82
CA GLY A 225 -4.94 16.66 -20.17
C GLY A 225 -5.41 15.35 -20.78
N ASN A 226 -4.84 15.07 -21.95
CA ASN A 226 -5.15 13.88 -22.71
C ASN A 226 -3.88 13.05 -22.92
N MET A 227 -4.08 11.79 -23.28
CA MET A 227 -2.99 10.84 -23.40
C MET A 227 -3.24 9.91 -24.56
N GLU A 228 -2.20 9.63 -25.33
CA GLU A 228 -2.29 8.61 -26.33
C GLU A 228 -1.87 7.29 -25.70
N ILE A 229 -2.65 6.24 -25.94
CA ILE A 229 -2.41 4.93 -25.37
C ILE A 229 -2.52 3.89 -26.47
N ARG A 230 -1.91 2.76 -26.23
CA ARG A 230 -1.90 1.69 -27.22
C ARG A 230 -2.36 0.41 -26.56
N GLY A 231 -3.03 -0.44 -27.33
CA GLY A 231 -3.52 -1.70 -26.83
C GLY A 231 -4.00 -2.58 -27.97
N ARG A 232 -4.63 -3.68 -27.61
CA ARG A 232 -5.10 -4.67 -28.56
C ARG A 232 -6.56 -4.42 -28.91
N ASP A 233 -6.85 -4.21 -30.19
CA ASP A 233 -8.23 -4.09 -30.63
C ASP A 233 -8.91 -5.45 -30.47
N LEU A 234 -10.11 -5.47 -29.90
CA LEU A 234 -10.71 -6.75 -29.54
C LEU A 234 -11.38 -7.43 -30.72
N LEU A 235 -11.86 -6.66 -31.70
CA LEU A 235 -12.32 -7.24 -32.95
C LEU A 235 -11.21 -7.97 -33.69
N THR A 236 -10.15 -7.24 -34.08
CA THR A 236 -9.12 -7.73 -35.01
C THR A 236 -7.95 -8.45 -34.32
N GLY A 237 -7.68 -8.18 -33.04
CA GLY A 237 -6.51 -8.73 -32.39
C GLY A 237 -5.23 -7.94 -32.54
N LEU A 238 -5.24 -6.81 -33.34
CA LEU A 238 -4.08 -6.03 -33.79
C LEU A 238 -3.91 -4.78 -32.95
N PRO A 239 -2.66 -4.30 -32.78
CA PRO A 239 -2.42 -3.11 -31.94
C PRO A 239 -3.06 -1.86 -32.52
N LYS A 240 -3.50 -0.99 -31.61
CA LYS A 240 -4.28 0.18 -31.97
C LYS A 240 -3.90 1.33 -31.03
N THR A 241 -3.85 2.54 -31.56
CA THR A 241 -3.57 3.73 -30.77
C THR A 241 -4.82 4.59 -30.71
N ILE A 242 -5.17 5.08 -29.50
CA ILE A 242 -6.29 6.00 -29.32
C ILE A 242 -5.88 7.12 -28.35
N GLU A 243 -6.76 8.13 -28.25
CA GLU A 243 -6.59 9.24 -27.32
C GLU A 243 -7.63 9.15 -26.21
N ILE A 244 -7.16 9.16 -24.95
CA ILE A 244 -7.99 9.07 -23.75
C ILE A 244 -7.88 10.40 -23.02
N SER A 245 -9.00 10.87 -22.47
CA SER A 245 -9.10 12.13 -21.75
C SER A 245 -9.18 11.91 -20.24
N ALA A 246 -8.68 12.90 -19.50
CA ALA A 246 -8.81 12.92 -18.04
C ALA A 246 -10.25 12.85 -17.58
N GLU A 247 -11.17 13.48 -18.34
CA GLU A 247 -12.59 13.38 -18.00
C GLU A 247 -13.02 11.92 -17.97
N GLU A 248 -12.69 11.17 -19.01
CA GLU A 248 -13.08 9.77 -19.07
C GLU A 248 -12.45 8.97 -17.94
N VAL A 249 -11.16 9.20 -17.66
CA VAL A 249 -10.49 8.43 -16.62
C VAL A 249 -11.11 8.71 -15.26
N ALA A 250 -11.55 9.94 -15.04
CA ALA A 250 -12.23 10.26 -13.78
C ALA A 250 -13.53 9.47 -13.65
N GLU A 251 -14.31 9.42 -14.74
CA GLU A 251 -15.54 8.63 -14.73
C GLU A 251 -15.23 7.16 -14.48
N ALA A 252 -14.22 6.63 -15.18
CA ALA A 252 -13.81 5.24 -15.00
C ALA A 252 -13.47 4.93 -13.56
N LEU A 253 -12.99 5.93 -12.80
CA LEU A 253 -12.59 5.76 -11.41
C LEU A 253 -13.68 6.18 -10.42
N ARG A 254 -14.87 6.55 -10.91
CA ARG A 254 -15.91 7.05 -10.02
C ARG A 254 -16.23 6.05 -8.92
N ASP A 255 -16.67 4.85 -9.29
CA ASP A 255 -17.10 3.85 -8.31
C ASP A 255 -15.97 3.47 -7.36
N THR A 256 -14.75 3.31 -7.90
CA THR A 256 -13.61 3.04 -7.01
C THR A 256 -13.43 4.15 -5.99
N VAL A 257 -13.60 5.41 -6.42
CA VAL A 257 -13.45 6.53 -5.50
C VAL A 257 -14.60 6.54 -4.50
N TYR A 258 -15.83 6.33 -4.99
CA TYR A 258 -16.99 6.16 -4.12
C TYR A 258 -16.73 5.13 -3.02
N ALA A 259 -16.23 3.95 -3.40
CA ALA A 259 -15.97 2.93 -2.39
C ALA A 259 -15.03 3.45 -1.31
N ILE A 260 -13.97 4.14 -1.72
CA ILE A 260 -13.04 4.67 -0.71
C ILE A 260 -13.74 5.69 0.19
N VAL A 261 -14.59 6.53 -0.39
CA VAL A 261 -15.29 7.56 0.39
C VAL A 261 -16.21 6.91 1.42
N GLU A 262 -16.92 5.83 1.02
CA GLU A 262 -17.84 5.14 1.93
C GLU A 262 -17.13 4.53 3.13
N SER A 263 -15.95 3.93 2.92
CA SER A 263 -15.23 3.35 4.06
C SER A 263 -14.79 4.42 5.05
N VAL A 264 -14.38 5.60 4.55
CA VAL A 264 -14.05 6.71 5.44
C VAL A 264 -15.27 7.10 6.25
N LYS A 265 -16.43 7.20 5.56
CA LYS A 265 -17.67 7.58 6.21
C LYS A 265 -18.17 6.49 7.16
N ASN A 266 -18.01 5.22 6.78
CA ASN A 266 -18.41 4.10 7.65
C ASN A 266 -17.56 4.05 8.91
N THR A 267 -16.28 4.43 8.80
CA THR A 267 -15.45 4.49 10.00
C THR A 267 -15.89 5.64 10.91
N LEU A 268 -16.22 6.82 10.33
CA LEU A 268 -16.69 7.94 11.15
C LEU A 268 -17.99 7.58 11.86
N GLU A 269 -18.93 6.97 11.13
CA GLU A 269 -20.18 6.51 11.72
C GLU A 269 -19.95 5.54 12.87
N LYS A 270 -18.78 4.90 12.95
CA LYS A 270 -18.43 3.98 14.04
C LYS A 270 -17.56 4.63 15.09
N THR A 271 -17.24 5.92 14.96
CA THR A 271 -16.34 6.66 15.85
C THR A 271 -17.15 7.34 16.97
N PRO A 272 -16.61 7.33 18.20
CA PRO A 272 -17.23 8.10 19.27
C PRO A 272 -17.31 9.56 18.91
N PRO A 273 -18.32 10.29 19.45
CA PRO A 273 -18.52 11.70 19.03
C PRO A 273 -17.35 12.59 19.36
N GLU A 274 -16.82 12.46 20.58
CA GLU A 274 -15.72 13.31 20.99
C GLU A 274 -14.52 13.10 20.06
N LEU A 275 -14.20 11.85 19.75
CA LEU A 275 -13.13 11.61 18.79
C LEU A 275 -13.55 12.06 17.39
N ALA A 276 -14.80 11.78 17.01
CA ALA A 276 -15.32 12.28 15.75
C ALA A 276 -15.25 13.80 15.68
N ALA A 277 -15.35 14.49 16.83
CA ALA A 277 -15.27 15.95 16.83
C ALA A 277 -13.83 16.43 16.72
N ASP A 278 -12.88 15.72 17.35
CA ASP A 278 -11.45 16.06 17.20
C ASP A 278 -10.98 15.90 15.75
N ILE A 279 -11.42 14.83 15.07
CA ILE A 279 -10.95 14.68 13.69
C ILE A 279 -11.49 15.82 12.82
N MET A 280 -12.71 16.30 13.10
CA MET A 280 -13.26 17.43 12.34
C MET A 280 -12.38 18.66 12.45
N ASP A 281 -11.60 18.77 13.53
CA ASP A 281 -10.69 19.88 13.79
C ASP A 281 -9.30 19.62 13.23
N ARG A 282 -8.74 18.45 13.52
CA ARG A 282 -7.41 18.09 13.01
C ARG A 282 -7.45 17.80 11.51
N GLY A 283 -8.48 17.10 11.05
CA GLY A 283 -8.53 16.69 9.68
C GLY A 283 -8.04 15.26 9.50
N ILE A 284 -8.32 14.70 8.32
CA ILE A 284 -7.95 13.34 7.95
C ILE A 284 -6.67 13.37 7.14
N VAL A 285 -5.76 12.45 7.45
CA VAL A 285 -4.47 12.36 6.75
C VAL A 285 -4.50 11.13 5.85
N LEU A 286 -4.11 11.35 4.58
CA LEU A 286 -4.03 10.30 3.58
C LEU A 286 -2.58 9.88 3.44
N THR A 287 -2.32 8.58 3.50
CA THR A 287 -0.99 8.05 3.25
C THR A 287 -1.06 7.02 2.12
N GLY A 288 0.10 6.68 1.58
CA GLY A 288 0.15 5.61 0.59
C GLY A 288 0.11 6.14 -0.84
N GLY A 289 0.74 5.39 -1.74
CA GLY A 289 0.84 5.83 -3.12
C GLY A 289 -0.51 6.09 -3.75
N GLY A 290 -1.50 5.24 -3.40
CA GLY A 290 -2.85 5.45 -3.91
C GLY A 290 -3.41 6.80 -3.57
N ALA A 291 -2.97 7.39 -2.46
CA ALA A 291 -3.47 8.72 -2.06
C ALA A 291 -2.93 9.84 -2.92
N LEU A 292 -2.08 9.52 -3.92
CA LEU A 292 -1.55 10.50 -4.84
C LEU A 292 -2.48 10.72 -6.03
N LEU A 293 -3.56 9.94 -6.12
CA LEU A 293 -4.61 10.18 -7.11
C LEU A 293 -5.09 11.62 -6.99
N ARG A 294 -4.99 12.38 -8.08
CA ARG A 294 -5.22 13.82 -7.96
C ARG A 294 -6.63 14.08 -7.49
N ASN A 295 -6.74 15.01 -6.53
CA ASN A 295 -7.98 15.54 -5.97
C ASN A 295 -8.74 14.54 -5.11
N LEU A 296 -8.15 13.37 -4.82
CA LEU A 296 -8.80 12.47 -3.88
C LEU A 296 -8.98 13.14 -2.54
N ASP A 297 -7.99 13.93 -2.13
CA ASP A 297 -8.14 14.62 -0.85
C ASP A 297 -9.34 15.58 -0.89
N LYS A 298 -9.54 16.26 -2.02
CA LYS A 298 -10.67 17.19 -2.13
C LYS A 298 -12.00 16.45 -2.13
N VAL A 299 -12.06 15.35 -2.88
CA VAL A 299 -13.29 14.59 -2.95
C VAL A 299 -13.67 14.07 -1.57
N ILE A 300 -12.73 13.45 -0.87
CA ILE A 300 -13.04 12.92 0.46
C ILE A 300 -13.44 14.04 1.40
N SER A 301 -12.81 15.21 1.24
CA SER A 301 -13.16 16.34 2.08
C SER A 301 -14.58 16.81 1.80
N GLN A 302 -14.90 17.05 0.52
CA GLN A 302 -16.24 17.49 0.16
C GLN A 302 -17.30 16.52 0.67
N GLU A 303 -17.03 15.21 0.57
CA GLU A 303 -18.04 14.25 0.96
C GLU A 303 -18.07 13.96 2.45
N THR A 304 -17.03 14.35 3.19
CA THR A 304 -17.06 14.16 4.62
C THR A 304 -17.26 15.46 5.38
N ASP A 305 -17.14 16.60 4.71
CA ASP A 305 -17.27 17.90 5.38
C ASP A 305 -16.19 18.07 6.43
N MET A 306 -14.99 17.58 6.13
CA MET A 306 -13.86 17.49 7.04
C MET A 306 -12.58 17.84 6.31
N PRO A 307 -11.63 18.50 6.98
CA PRO A 307 -10.34 18.76 6.34
C PRO A 307 -9.72 17.42 5.94
N VAL A 308 -9.11 17.39 4.76
CA VAL A 308 -8.36 16.23 4.33
C VAL A 308 -7.03 16.75 3.81
N ILE A 309 -5.93 16.13 4.26
CA ILE A 309 -4.59 16.48 3.80
C ILE A 309 -3.85 15.21 3.43
N VAL A 310 -2.89 15.35 2.51
CA VAL A 310 -1.99 14.26 2.13
C VAL A 310 -0.71 14.42 2.92
N ALA A 311 -0.27 13.32 3.56
CA ALA A 311 0.95 13.36 4.36
C ALA A 311 2.15 13.80 3.53
N GLU A 312 3.19 14.29 4.21
CA GLU A 312 4.32 14.91 3.51
C GLU A 312 5.11 13.88 2.71
N ASN A 313 5.34 12.69 3.28
CA ASN A 313 6.12 11.65 2.62
C ASN A 313 5.25 10.39 2.46
N PRO A 314 4.23 10.45 1.59
CA PRO A 314 3.11 9.48 1.73
C PRO A 314 3.50 8.05 1.44
N LEU A 315 4.60 7.81 0.73
CA LEU A 315 5.03 6.45 0.42
C LEU A 315 5.93 5.84 1.49
N ASP A 316 6.56 6.66 2.33
CA ASP A 316 7.43 6.16 3.40
C ASP A 316 6.79 6.21 4.78
N CYS A 317 5.56 6.72 4.90
CA CYS A 317 4.94 6.87 6.22
C CYS A 317 4.90 5.55 6.96
N VAL A 318 4.42 4.51 6.28
CA VAL A 318 4.24 3.22 6.92
C VAL A 318 5.57 2.70 7.45
N ALA A 319 6.59 2.72 6.60
CA ALA A 319 7.90 2.22 7.00
C ALA A 319 8.50 3.08 8.10
N ILE A 320 8.33 4.40 8.01
CA ILE A 320 8.82 5.24 9.10
C ILE A 320 8.07 4.92 10.38
N GLY A 321 6.75 4.75 10.28
CA GLY A 321 5.96 4.40 11.46
C GLY A 321 6.39 3.07 12.07
N THR A 322 6.62 2.07 11.22
CA THR A 322 7.15 0.79 11.70
C THR A 322 8.51 0.96 12.37
N GLY A 323 9.32 1.90 11.89
CA GLY A 323 10.61 2.15 12.52
C GLY A 323 10.46 2.82 13.87
N LYS A 324 9.61 3.86 13.94
CA LYS A 324 9.40 4.57 15.19
C LYS A 324 8.69 3.71 16.23
N ALA A 325 7.83 2.78 15.78
CA ALA A 325 7.18 1.85 16.70
C ALA A 325 8.18 0.98 17.46
N LEU A 326 9.45 0.96 17.02
CA LEU A 326 10.47 0.22 17.73
C LEU A 326 10.81 0.83 19.07
N ASP A 327 10.49 2.11 19.28
CA ASP A 327 10.73 2.81 20.54
C ASP A 327 9.66 2.56 21.59
N HIS A 328 8.52 2.01 21.21
CA HIS A 328 7.45 1.58 22.12
C HIS A 328 7.19 0.09 21.92
N ILE A 329 8.27 -0.69 21.79
CA ILE A 329 8.16 -2.12 21.48
C ILE A 329 7.42 -2.88 22.58
N ASP A 330 7.34 -2.29 23.78
CA ASP A 330 6.50 -2.81 24.86
C ASP A 330 5.06 -3.02 24.43
N LEU A 331 4.43 -1.95 23.90
CA LEU A 331 3.03 -2.01 23.45
C LEU A 331 2.78 -3.20 22.54
N PHE A 332 3.67 -3.41 21.56
CA PHE A 332 3.56 -4.48 20.57
C PHE A 332 4.09 -5.82 21.08
N LYS A 333 4.72 -5.84 22.26
CA LYS A 333 5.18 -7.06 22.90
C LYS A 333 4.01 -7.76 23.58
PG GTP B . 0.27 -1.92 0.48
O1G GTP B . -1.19 -2.27 0.17
O2G GTP B . 0.87 -3.07 1.25
O3G GTP B . 0.35 -0.61 1.25
O3B GTP B . 1.12 -1.77 -0.90
PB GTP B . 2.31 -0.68 -1.04
O1B GTP B . 2.94 -0.50 0.34
O2B GTP B . 3.35 -1.12 -2.05
O3A GTP B . 1.57 0.71 -1.47
PA GTP B . 2.38 2.10 -1.73
O1A GTP B . 1.87 3.20 -0.81
O2A GTP B . 3.88 1.92 -1.55
O5' GTP B . 2.06 2.46 -3.26
C5' GTP B . 1.49 1.49 -4.12
C4' GTP B . 0.51 2.21 -5.01
O4' GTP B . 0.98 3.51 -5.19
C3' GTP B . 0.39 1.61 -6.40
O3' GTP B . -0.96 1.26 -6.55
C2' GTP B . 0.73 2.75 -7.35
O2' GTP B . -0.10 2.80 -8.48
C1' GTP B . 0.53 3.97 -6.45
N9 GTP B . 1.25 5.17 -6.90
C8 GTP B . 2.60 5.45 -6.82
N7 GTP B . 2.81 6.68 -7.37
C5 GTP B . 1.62 7.21 -7.78
C6 GTP B . 1.25 8.41 -8.41
O6 GTP B . 2.10 9.26 -8.70
N1 GTP B . -0.08 8.65 -8.71
C2 GTP B . -1.05 7.71 -8.40
N2 GTP B . -2.33 7.93 -8.68
N3 GTP B . -0.67 6.52 -7.79
C4 GTP B . 0.64 6.26 -7.49
#